data_3VN0
#
_entry.id   3VN0
#
_cell.length_a   40.126
_cell.length_b   53.868
_cell.length_c   81.413
_cell.angle_alpha   90.00
_cell.angle_beta   90.00
_cell.angle_gamma   90.00
#
_symmetry.space_group_name_H-M   'P 21 21 21'
#
loop_
_entity.id
_entity.type
_entity.pdbx_description
1 polymer 'Voltage-gated hydrogen channel 1'
2 water water
#
_entity_poly.entity_id   1
_entity_poly.type   'polypeptide(L)'
_entity_poly.pdbx_seq_one_letter_code
;GSERQILRLKQINIQLATKIQHLEFSSSEKEQEIERLNKLLKQNGLLGDVN
;
_entity_poly.pdbx_strand_id   A,C,B,D
#
# COMPACT_ATOMS: atom_id res chain seq x y z
N GLY A 1 33.14 8.19 11.18
CA GLY A 1 34.01 7.65 10.12
C GLY A 1 33.18 6.73 9.28
N SER A 2 33.88 5.78 8.66
CA SER A 2 33.26 4.82 7.78
C SER A 2 32.23 4.01 8.51
N GLU A 3 32.37 3.63 9.79
CA GLU A 3 31.36 2.78 10.43
C GLU A 3 30.00 3.49 10.52
N ARG A 4 30.00 4.79 10.80
CA ARG A 4 28.76 5.57 10.79
C ARG A 4 28.14 5.76 9.41
N GLN A 5 28.96 5.90 8.40
CA GLN A 5 28.47 6.02 7.04
C GLN A 5 27.83 4.70 6.66
N ILE A 6 28.51 3.58 7.00
CA ILE A 6 27.96 2.27 6.68
C ILE A 6 26.64 2.06 7.37
N LEU A 7 26.47 2.42 8.66
CA LEU A 7 25.22 2.21 9.34
C LEU A 7 24.06 2.99 8.68
N ARG A 8 24.34 4.22 8.27
CA ARG A 8 23.37 5.02 7.57
C ARG A 8 23.01 4.42 6.22
N LEU A 9 23.99 3.92 5.47
CA LEU A 9 23.67 3.28 4.22
C LEU A 9 22.84 2.04 4.41
N LYS A 10 23.07 1.27 5.48
CA LYS A 10 22.29 0.10 5.76
C LYS A 10 20.85 0.46 6.17
N GLN A 11 20.69 1.55 6.90
CA GLN A 11 19.35 2.04 7.26
C GLN A 11 18.57 2.40 5.99
N ILE A 12 19.23 3.18 5.11
CA ILE A 12 18.55 3.56 3.84
C ILE A 12 18.25 2.30 3.07
N ASN A 13 19.17 1.36 2.96
CA ASN A 13 18.94 0.13 2.25
C ASN A 13 17.71 -0.64 2.79
N ILE A 14 17.58 -0.79 4.12
CA ILE A 14 16.40 -1.52 4.56
C ILE A 14 15.15 -0.70 4.29
N GLN A 15 15.18 0.64 4.36
CA GLN A 15 13.94 1.44 4.06
C GLN A 15 13.58 1.18 2.63
N LEU A 16 14.53 1.18 1.69
CA LEU A 16 14.19 0.94 0.30
C LEU A 16 13.68 -0.49 0.09
N ALA A 17 14.32 -1.48 0.68
CA ALA A 17 13.91 -2.84 0.49
C ALA A 17 12.50 -3.03 1.06
N THR A 18 12.18 -2.34 2.15
CA THR A 18 10.84 -2.47 2.73
C THR A 18 9.86 -1.88 1.83
N LYS A 19 10.11 -0.72 1.25
CA LYS A 19 9.19 -0.13 0.32
C LYS A 19 8.97 -0.99 -0.89
N ILE A 20 9.98 -1.64 -1.44
CA ILE A 20 9.82 -2.56 -2.55
C ILE A 20 8.93 -3.72 -2.12
N GLN A 21 9.16 -4.28 -0.97
CA GLN A 21 8.28 -5.41 -0.55
C GLN A 21 6.89 -4.92 -0.43
N HIS A 22 6.65 -3.71 0.06
CA HIS A 22 5.29 -3.22 0.15
C HIS A 22 4.71 -3.06 -1.21
N LEU A 23 5.37 -2.41 -2.18
CA LEU A 23 4.81 -2.28 -3.48
C LEU A 23 4.59 -3.62 -4.16
N GLU A 24 5.42 -4.61 -3.97
CA GLU A 24 5.13 -5.91 -4.60
C GLU A 24 3.90 -6.46 -3.96
N PHE A 25 3.75 -6.42 -2.61
CA PHE A 25 2.55 -6.95 -1.98
C PHE A 25 1.31 -6.20 -2.42
N SER A 26 1.34 -4.88 -2.44
CA SER A 26 0.15 -4.11 -2.84
C SER A 26 -0.18 -4.28 -4.27
N SER A 27 0.77 -4.47 -5.12
CA SER A 27 0.49 -4.66 -6.52
C SER A 27 -0.16 -5.99 -6.74
N SER A 28 0.23 -7.03 -6.00
CA SER A 28 -0.42 -8.31 -6.13
C SER A 28 -1.83 -8.24 -5.59
N GLU A 29 -2.09 -7.51 -4.53
CA GLU A 29 -3.44 -7.30 -4.09
C GLU A 29 -4.28 -6.64 -5.17
N LYS A 30 -3.73 -5.66 -5.85
CA LYS A 30 -4.45 -4.95 -6.92
C LYS A 30 -4.74 -5.89 -8.06
N GLU A 31 -3.83 -6.79 -8.41
CA GLU A 31 -4.10 -7.75 -9.49
C GLU A 31 -5.23 -8.64 -9.09
N GLN A 32 -5.35 -9.02 -7.79
CA GLN A 32 -6.45 -9.81 -7.37
C GLN A 32 -7.78 -9.02 -7.41
N GLU A 33 -7.74 -7.76 -7.04
CA GLU A 33 -8.92 -6.88 -7.14
C GLU A 33 -9.35 -6.81 -8.63
N ILE A 34 -8.41 -6.67 -9.58
CA ILE A 34 -8.72 -6.63 -11.03
C ILE A 34 -9.38 -7.96 -11.43
N GLU A 35 -8.84 -9.11 -11.02
CA GLU A 35 -9.41 -10.40 -11.37
C GLU A 35 -10.84 -10.47 -10.85
N ARG A 36 -11.10 -10.03 -9.65
CA ARG A 36 -12.46 -10.12 -9.13
C ARG A 36 -13.40 -9.20 -9.86
N LEU A 37 -13.00 -8.02 -10.22
CA LEU A 37 -13.83 -7.09 -11.00
C LEU A 37 -14.08 -7.64 -12.40
N ASN A 38 -13.07 -8.24 -13.01
CA ASN A 38 -13.26 -8.86 -14.32
C ASN A 38 -14.23 -10.01 -14.24
N LYS A 39 -14.19 -10.81 -13.17
CA LYS A 39 -15.11 -11.96 -13.07
C LYS A 39 -16.52 -11.40 -12.93
N LEU A 40 -16.75 -10.36 -12.18
CA LEU A 40 -18.09 -9.83 -12.07
C LEU A 40 -18.56 -9.28 -13.39
N LEU A 41 -17.71 -8.64 -14.21
CA LEU A 41 -18.12 -8.16 -15.53
C LEU A 41 -18.44 -9.33 -16.45
N LYS A 42 -17.64 -10.36 -16.43
CA LYS A 42 -17.87 -11.52 -17.31
C LYS A 42 -19.26 -12.04 -16.89
N GLN A 43 -19.55 -12.17 -15.61
CA GLN A 43 -20.78 -12.88 -15.11
C GLN A 43 -21.97 -12.11 -15.52
N ASN A 44 -21.87 -10.79 -15.67
CA ASN A 44 -23.00 -9.98 -16.06
C ASN A 44 -23.08 -9.69 -17.56
N GLY A 45 -22.31 -10.44 -18.34
CA GLY A 45 -22.32 -10.37 -19.82
C GLY A 45 -21.68 -9.10 -20.42
N LEU A 46 -20.69 -8.54 -19.72
CA LEU A 46 -20.01 -7.29 -20.16
C LEU A 46 -18.60 -7.60 -20.68
N LEU A 47 -18.26 -8.87 -20.77
CA LEU A 47 -16.93 -9.21 -21.30
C LEU A 47 -17.16 -10.20 -22.48
N GLY A 48 -18.14 -9.87 -23.34
CA GLY A 48 -18.60 -10.78 -24.45
C GLY A 48 -19.31 -12.04 -23.96
N GLY B 1 -6.90 -23.49 27.76
CA GLY B 1 -7.14 -24.75 26.96
C GLY B 1 -7.48 -24.44 25.49
N SER B 2 -7.96 -25.46 24.77
CA SER B 2 -8.16 -25.27 23.32
C SER B 2 -9.32 -24.30 23.14
N GLU B 3 -10.30 -24.32 24.00
CA GLU B 3 -11.41 -23.45 23.94
C GLU B 3 -10.96 -22.01 24.11
N ARG B 4 -10.04 -21.73 25.05
CA ARG B 4 -9.54 -20.37 25.25
C ARG B 4 -8.97 -19.88 23.93
N GLN B 5 -8.10 -20.65 23.32
CA GLN B 5 -7.45 -20.24 22.15
C GLN B 5 -8.35 -20.03 20.94
N ILE B 6 -9.36 -20.90 20.77
CA ILE B 6 -10.36 -20.72 19.71
C ILE B 6 -11.11 -19.43 19.89
N LEU B 7 -11.60 -19.16 21.11
CA LEU B 7 -12.35 -17.93 21.30
C LEU B 7 -11.48 -16.69 21.12
N ARG B 8 -10.25 -16.79 21.63
CA ARG B 8 -9.34 -15.65 21.52
C ARG B 8 -9.00 -15.32 20.06
N LEU B 9 -8.80 -16.38 19.31
CA LEU B 9 -8.48 -16.16 17.90
C LEU B 9 -9.71 -15.74 17.11
N LYS B 10 -10.90 -16.27 17.38
CA LYS B 10 -12.09 -15.79 16.71
C LYS B 10 -12.23 -14.30 16.89
N GLN B 11 -12.11 -13.80 18.14
CA GLN B 11 -12.24 -12.41 18.41
C GLN B 11 -11.16 -11.60 17.78
N ILE B 12 -9.90 -12.04 17.89
CA ILE B 12 -8.82 -11.27 17.29
C ILE B 12 -9.02 -11.16 15.78
N ASN B 13 -9.47 -12.22 15.14
CA ASN B 13 -9.68 -12.18 13.66
C ASN B 13 -10.81 -11.25 13.32
N ILE B 14 -11.87 -11.14 14.09
CA ILE B 14 -12.91 -10.15 13.86
C ILE B 14 -12.37 -8.77 14.02
N GLN B 15 -11.57 -8.52 15.03
CA GLN B 15 -10.98 -7.19 15.19
C GLN B 15 -10.02 -6.85 14.06
N LEU B 16 -9.26 -7.81 13.58
CA LEU B 16 -8.36 -7.50 12.44
C LEU B 16 -9.16 -7.22 11.22
N ALA B 17 -10.21 -7.98 10.97
CA ALA B 17 -11.04 -7.75 9.81
C ALA B 17 -11.63 -6.36 9.81
N THR B 18 -12.05 -5.87 10.97
CA THR B 18 -12.62 -4.52 11.11
C THR B 18 -11.50 -3.49 10.93
N LYS B 19 -10.35 -3.73 11.45
CA LYS B 19 -9.22 -2.79 11.33
C LYS B 19 -8.83 -2.66 9.84
N ILE B 20 -8.90 -3.69 9.05
CA ILE B 20 -8.64 -3.59 7.57
C ILE B 20 -9.64 -2.57 7.04
N GLN B 21 -10.92 -2.66 7.38
CA GLN B 21 -11.90 -1.70 6.84
C GLN B 21 -11.53 -0.28 7.28
N HIS B 22 -11.11 -0.10 8.50
CA HIS B 22 -10.76 1.31 8.91
C HIS B 22 -9.49 1.76 8.22
N LEU B 23 -8.49 0.92 8.00
CA LEU B 23 -7.29 1.32 7.30
C LEU B 23 -7.54 1.56 5.81
N GLU B 24 -8.39 0.82 5.16
CA GLU B 24 -8.78 1.11 3.75
C GLU B 24 -9.37 2.50 3.72
N PHE B 25 -10.24 2.83 4.67
CA PHE B 25 -10.93 4.10 4.67
C PHE B 25 -9.89 5.21 4.95
N SER B 26 -8.94 4.98 5.85
CA SER B 26 -7.91 6.03 6.10
C SER B 26 -7.06 6.26 4.89
N SER B 27 -6.64 5.24 4.21
CA SER B 27 -5.85 5.35 3.04
C SER B 27 -6.61 6.12 1.96
N SER B 28 -7.86 5.84 1.74
CA SER B 28 -8.61 6.48 0.64
C SER B 28 -8.82 7.96 1.01
N GLU B 29 -9.06 8.26 2.27
CA GLU B 29 -9.25 9.66 2.68
C GLU B 29 -7.94 10.43 2.46
N LYS B 30 -6.81 9.85 2.77
CA LYS B 30 -5.54 10.50 2.54
C LYS B 30 -5.24 10.66 1.07
N GLU B 31 -5.62 9.74 0.24
CA GLU B 31 -5.45 9.85 -1.21
C GLU B 31 -6.21 11.07 -1.71
N GLN B 32 -7.39 11.33 -1.20
CA GLN B 32 -8.17 12.48 -1.69
C GLN B 32 -7.45 13.76 -1.27
N GLU B 33 -6.90 13.80 -0.06
CA GLU B 33 -6.23 15.00 0.40
C GLU B 33 -4.92 15.22 -0.40
N ILE B 34 -4.16 14.18 -0.72
CA ILE B 34 -2.99 14.32 -1.63
C ILE B 34 -3.46 14.95 -2.94
N GLU B 35 -4.55 14.46 -3.51
CA GLU B 35 -5.05 15.06 -4.74
C GLU B 35 -5.47 16.49 -4.60
N ARG B 36 -6.13 16.85 -3.52
CA ARG B 36 -6.53 18.21 -3.32
C ARG B 36 -5.32 19.13 -3.21
N LEU B 37 -4.28 18.71 -2.45
CA LEU B 37 -3.08 19.57 -2.31
C LEU B 37 -2.28 19.63 -3.64
N ASN B 38 -2.21 18.55 -4.41
CA ASN B 38 -1.53 18.61 -5.68
C ASN B 38 -2.29 19.56 -6.65
N LYS B 39 -3.63 19.54 -6.60
CA LYS B 39 -4.36 20.47 -7.48
C LYS B 39 -4.12 21.91 -7.08
N LEU B 40 -3.99 22.27 -5.79
CA LEU B 40 -3.53 23.59 -5.41
C LEU B 40 -2.19 23.95 -6.01
N LEU B 41 -1.24 23.00 -5.98
CA LEU B 41 0.08 23.28 -6.59
C LEU B 41 -0.11 23.48 -8.08
N LYS B 42 -0.88 22.67 -8.74
CA LYS B 42 -1.01 22.77 -10.20
C LYS B 42 -1.62 24.09 -10.58
N GLN B 43 -2.62 24.56 -9.85
CA GLN B 43 -3.27 25.82 -10.23
C GLN B 43 -2.35 26.99 -9.99
N ASN B 44 -1.34 26.90 -9.17
CA ASN B 44 -0.37 27.96 -8.93
C ASN B 44 0.92 27.84 -9.73
N GLY B 45 0.90 26.87 -10.66
CA GLY B 45 2.04 26.73 -11.57
C GLY B 45 3.18 25.99 -11.01
N LEU B 46 2.97 25.21 -9.95
CA LEU B 46 4.05 24.50 -9.29
C LEU B 46 4.12 23.03 -9.69
N LEU B 47 3.37 22.63 -10.71
CA LEU B 47 3.28 21.17 -11.15
C LEU B 47 3.18 21.14 -12.68
N GLY B 48 3.95 22.01 -13.32
CA GLY B 48 3.84 22.16 -14.81
C GLY B 48 4.40 20.98 -15.61
N ASP B 49 3.97 20.83 -16.89
CA ASP B 49 4.58 19.84 -17.84
C ASP B 49 6.12 19.88 -17.75
N GLY C 1 36.56 -6.03 2.44
CA GLY C 1 36.99 -4.87 3.32
C GLY C 1 35.88 -4.40 4.24
N SER C 2 36.17 -3.79 5.40
CA SER C 2 35.02 -3.27 6.12
C SER C 2 34.46 -2.11 5.27
N GLU C 3 35.36 -1.23 4.88
CA GLU C 3 34.95 -0.03 4.14
C GLU C 3 34.43 -0.38 2.76
N ARG C 4 34.79 -1.55 2.23
CA ARG C 4 34.37 -2.00 0.98
C ARG C 4 32.82 -2.10 0.84
N GLN C 5 32.15 -2.25 2.00
CA GLN C 5 30.68 -2.18 2.06
C GLN C 5 30.11 -0.88 1.51
N ILE C 6 30.87 0.20 1.60
CA ILE C 6 30.37 1.50 1.16
C ILE C 6 29.88 1.52 -0.25
N LEU C 7 30.74 1.09 -1.17
CA LEU C 7 30.36 1.13 -2.57
C LEU C 7 29.23 0.14 -2.82
N ARG C 8 29.29 -1.03 -2.20
CA ARG C 8 28.30 -2.04 -2.47
C ARG C 8 26.92 -1.51 -2.06
N LEU C 9 26.80 -0.97 -0.85
CA LEU C 9 25.53 -0.37 -0.43
C LEU C 9 25.07 0.77 -1.26
N LYS C 10 25.98 1.67 -1.62
CA LYS C 10 25.64 2.77 -2.49
C LYS C 10 25.01 2.32 -3.77
N GLN C 11 25.62 1.34 -4.42
CA GLN C 11 25.14 0.88 -5.67
C GLN C 11 23.85 0.07 -5.57
N ILE C 12 23.72 -0.77 -4.55
CA ILE C 12 22.45 -1.45 -4.33
C ILE C 12 21.33 -0.39 -4.13
N ASN C 13 21.61 0.62 -3.31
CA ASN C 13 20.55 1.55 -2.97
C ASN C 13 20.12 2.30 -4.22
N ILE C 14 21.00 2.63 -5.17
CA ILE C 14 20.60 3.26 -6.40
C ILE C 14 19.67 2.33 -7.23
N GLN C 15 20.05 1.05 -7.28
CA GLN C 15 19.19 0.10 -8.00
C GLN C 15 17.83 -0.05 -7.32
N LEU C 16 17.81 -0.10 -5.99
CA LEU C 16 16.50 -0.21 -5.33
C LEU C 16 15.66 1.07 -5.52
N ALA C 17 16.27 2.25 -5.48
CA ALA C 17 15.56 3.48 -5.68
C ALA C 17 14.94 3.48 -7.05
N THR C 18 15.63 2.96 -8.08
CA THR C 18 15.10 2.88 -9.41
C THR C 18 13.93 1.90 -9.49
N LYS C 19 14.11 0.75 -8.85
CA LYS C 19 13.09 -0.31 -8.90
C LYS C 19 11.82 0.26 -8.24
N ILE C 20 11.91 1.03 -7.15
CA ILE C 20 10.72 1.62 -6.54
C ILE C 20 10.01 2.46 -7.59
N GLN C 21 10.68 3.27 -8.39
CA GLN C 21 9.96 4.05 -9.36
C GLN C 21 9.23 3.22 -10.42
N HIS C 22 9.89 2.15 -10.82
CA HIS C 22 9.18 1.20 -11.79
C HIS C 22 7.98 0.58 -11.13
N LEU C 23 8.08 0.21 -9.87
CA LEU C 23 6.96 -0.46 -9.20
C LEU C 23 5.91 0.56 -8.94
N GLU C 24 6.22 1.85 -8.70
CA GLU C 24 5.16 2.84 -8.48
C GLU C 24 4.40 2.99 -9.79
N PHE C 25 5.07 2.95 -10.92
CA PHE C 25 4.37 3.21 -12.18
C PHE C 25 3.39 2.07 -12.37
N SER C 26 3.86 0.83 -12.17
CA SER C 26 3.03 -0.36 -12.42
C SER C 26 1.92 -0.41 -11.45
N SER C 27 2.08 0.00 -10.21
CA SER C 27 1.03 0.04 -9.23
C SER C 27 0.00 1.09 -9.72
N SER C 28 0.44 2.22 -10.26
CA SER C 28 -0.48 3.28 -10.68
C SER C 28 -1.29 2.79 -11.85
N GLU C 29 -0.69 2.02 -12.75
CA GLU C 29 -1.42 1.51 -13.91
C GLU C 29 -2.49 0.59 -13.42
N LYS C 30 -2.23 -0.23 -12.41
CA LYS C 30 -3.25 -1.13 -11.88
C LYS C 30 -4.32 -0.30 -11.20
N GLU C 31 -4.01 0.73 -10.42
CA GLU C 31 -5.07 1.59 -9.81
C GLU C 31 -5.95 2.17 -10.91
N GLN C 32 -5.39 2.63 -12.00
CA GLN C 32 -6.23 3.26 -13.04
C GLN C 32 -7.13 2.20 -13.64
N GLU C 33 -6.69 0.94 -13.78
CA GLU C 33 -7.52 -0.14 -14.32
C GLU C 33 -8.64 -0.48 -13.36
N ILE C 34 -8.38 -0.46 -12.07
CA ILE C 34 -9.39 -0.66 -11.05
C ILE C 34 -10.46 0.44 -11.12
N GLU C 35 -10.01 1.66 -11.30
CA GLU C 35 -11.00 2.74 -11.39
C GLU C 35 -11.83 2.57 -12.63
N ARG C 36 -11.21 2.28 -13.76
CA ARG C 36 -11.95 1.98 -14.97
C ARG C 36 -13.00 0.88 -14.83
N LEU C 37 -12.68 -0.22 -14.22
CA LEU C 37 -13.55 -1.30 -14.03
C LEU C 37 -14.68 -0.91 -13.02
N ASN C 38 -14.31 -0.23 -11.93
CA ASN C 38 -15.36 0.21 -10.99
C ASN C 38 -16.36 1.09 -11.72
N LYS C 39 -15.89 2.01 -12.59
CA LYS C 39 -16.86 2.86 -13.35
C LYS C 39 -17.73 2.07 -14.25
N LEU C 40 -17.20 1.05 -14.91
CA LEU C 40 -17.97 0.23 -15.82
C LEU C 40 -19.03 -0.49 -15.04
N LEU C 41 -18.67 -1.02 -13.88
CA LEU C 41 -19.61 -1.80 -13.05
C LEU C 41 -20.68 -0.82 -12.54
N LYS C 42 -20.29 0.34 -12.12
CA LYS C 42 -21.28 1.31 -11.60
C LYS C 42 -22.27 1.73 -12.70
N GLN C 43 -21.78 2.00 -13.90
CA GLN C 43 -22.63 2.46 -15.04
C GLN C 43 -23.59 1.35 -15.36
N ASN C 44 -23.25 0.08 -15.12
CA ASN C 44 -24.10 -1.09 -15.40
C ASN C 44 -24.91 -1.61 -14.26
N GLY C 45 -24.95 -0.83 -13.21
CA GLY C 45 -25.80 -1.18 -12.07
C GLY C 45 -25.25 -2.25 -11.15
N LEU C 46 -23.95 -2.53 -11.21
CA LEU C 46 -23.36 -3.74 -10.56
C LEU C 46 -22.44 -3.39 -9.41
N LEU C 47 -22.42 -2.13 -9.03
CA LEU C 47 -21.47 -1.76 -7.95
C LEU C 47 -22.28 -1.31 -6.76
N GLY C 48 -23.51 -1.83 -6.61
CA GLY C 48 -24.44 -1.51 -5.52
C GLY C 48 -25.44 -0.41 -5.85
N ASP C 49 -26.27 -0.10 -4.81
CA ASP C 49 -27.11 1.12 -4.51
C ASP C 49 -28.26 0.75 -3.58
N GLY D 1 -10.72 -31.63 14.12
CA GLY D 1 -11.21 -31.26 15.48
C GLY D 1 -10.61 -29.94 15.98
N SER D 2 -10.49 -29.78 17.31
CA SER D 2 -9.92 -28.57 17.95
C SER D 2 -8.56 -28.12 17.36
N GLU D 3 -7.63 -29.04 17.15
CA GLU D 3 -6.34 -28.65 16.65
C GLU D 3 -6.42 -28.11 15.21
N ARG D 4 -7.25 -28.71 14.35
CA ARG D 4 -7.40 -28.19 13.01
C ARG D 4 -8.21 -26.89 13.00
N GLN D 5 -9.14 -26.71 13.92
CA GLN D 5 -9.92 -25.50 13.97
C GLN D 5 -8.91 -24.39 14.30
N ILE D 6 -8.02 -24.61 15.25
CA ILE D 6 -7.02 -23.59 15.64
C ILE D 6 -6.09 -23.40 14.43
N LEU D 7 -5.63 -24.42 13.69
CA LEU D 7 -4.77 -24.18 12.54
C LEU D 7 -5.55 -23.38 11.45
N ARG D 8 -6.83 -23.62 11.16
CA ARG D 8 -7.61 -22.77 10.22
C ARG D 8 -7.73 -21.31 10.73
N LEU D 9 -7.93 -21.10 12.06
CA LEU D 9 -8.01 -19.72 12.58
C LEU D 9 -6.68 -19.05 12.42
N LYS D 10 -5.60 -19.77 12.61
CA LYS D 10 -4.30 -19.19 12.43
C LYS D 10 -3.98 -18.95 10.95
N GLN D 11 -4.49 -19.77 10.02
CA GLN D 11 -4.34 -19.48 8.55
C GLN D 11 -4.99 -18.14 8.16
N ILE D 12 -6.18 -17.90 8.74
CA ILE D 12 -6.90 -16.63 8.53
C ILE D 12 -6.18 -15.53 9.18
N ASN D 13 -5.80 -15.70 10.45
CA ASN D 13 -5.10 -14.75 11.14
C ASN D 13 -3.87 -14.15 10.43
N ILE D 14 -3.04 -15.04 9.88
CA ILE D 14 -1.85 -14.60 9.21
C ILE D 14 -2.22 -13.75 7.97
N GLN D 15 -3.26 -14.20 7.20
CA GLN D 15 -3.66 -13.44 5.99
C GLN D 15 -4.08 -12.02 6.44
N LEU D 16 -4.92 -11.90 7.46
CA LEU D 16 -5.40 -10.57 7.92
C LEU D 16 -4.25 -9.74 8.47
N ALA D 17 -3.38 -10.32 9.24
CA ALA D 17 -2.32 -9.56 9.84
C ALA D 17 -1.34 -9.05 8.76
N THR D 18 -1.08 -9.81 7.67
CA THR D 18 -0.12 -9.34 6.69
C THR D 18 -0.79 -8.21 5.87
N LYS D 19 -2.09 -8.35 5.55
CA LYS D 19 -2.82 -7.26 4.94
C LYS D 19 -2.73 -5.99 5.76
N ILE D 20 -2.93 -6.06 7.10
CA ILE D 20 -2.87 -4.93 7.94
C ILE D 20 -1.46 -4.29 7.94
N GLN D 21 -0.40 -5.08 7.97
CA GLN D 21 0.98 -4.47 7.96
C GLN D 21 1.11 -3.58 6.73
N HIS D 22 0.65 -4.07 5.61
CA HIS D 22 0.73 -3.30 4.40
C HIS D 22 -0.16 -2.12 4.32
N LEU D 23 -1.37 -2.20 4.83
CA LEU D 23 -2.21 -1.05 4.84
C LEU D 23 -1.70 -0.02 5.78
N GLU D 24 -1.10 -0.40 6.88
CA GLU D 24 -0.50 0.57 7.79
C GLU D 24 0.67 1.25 7.14
N PHE D 25 1.48 0.53 6.37
CA PHE D 25 2.59 1.18 5.66
C PHE D 25 2.04 2.16 4.66
N SER D 26 1.02 1.79 3.87
CA SER D 26 0.44 2.71 2.94
C SER D 26 -0.10 3.94 3.55
N SER D 27 -0.89 3.80 4.57
CA SER D 27 -1.49 4.94 5.26
C SER D 27 -0.39 5.84 5.80
N SER D 28 0.63 5.29 6.44
CA SER D 28 1.70 6.08 7.02
C SER D 28 2.43 6.85 5.93
N GLU D 29 2.71 6.22 4.81
CA GLU D 29 3.44 6.88 3.76
C GLU D 29 2.61 7.99 3.17
N LYS D 30 1.32 7.84 2.99
CA LYS D 30 0.44 8.92 2.52
C LYS D 30 0.39 10.01 3.50
N GLU D 31 0.34 9.75 4.80
CA GLU D 31 0.27 10.81 5.78
C GLU D 31 1.54 11.64 5.67
N GLN D 32 2.70 11.03 5.46
CA GLN D 32 3.93 11.84 5.34
C GLN D 32 3.96 12.62 4.02
N GLU D 33 3.41 12.08 2.95
CA GLU D 33 3.31 12.86 1.67
C GLU D 33 2.43 14.07 1.86
N ILE D 34 1.34 13.96 2.64
CA ILE D 34 0.52 15.13 2.96
C ILE D 34 1.33 16.12 3.78
N GLU D 35 2.09 15.70 4.80
CA GLU D 35 2.91 16.66 5.52
C GLU D 35 3.89 17.37 4.62
N ARG D 36 4.55 16.68 3.69
CA ARG D 36 5.50 17.33 2.82
C ARG D 36 4.77 18.33 1.93
N LEU D 37 3.59 18.02 1.43
CA LEU D 37 2.84 18.97 0.58
C LEU D 37 2.41 20.18 1.38
N ASN D 38 2.01 20.01 2.64
CA ASN D 38 1.70 21.16 3.48
C ASN D 38 2.92 22.00 3.67
N LYS D 39 4.05 21.41 3.96
CA LYS D 39 5.28 22.23 4.06
C LYS D 39 5.64 22.94 2.79
N LEU D 40 5.45 22.32 1.67
CA LEU D 40 5.72 22.97 0.37
C LEU D 40 4.76 24.12 0.08
N LEU D 41 3.48 23.95 0.41
CA LEU D 41 2.49 24.98 0.27
C LEU D 41 2.91 26.18 1.16
N LYS D 42 3.34 25.95 2.39
CA LYS D 42 3.66 27.01 3.37
C LYS D 42 4.96 27.66 2.88
N GLN D 43 5.96 26.96 2.34
CA GLN D 43 7.20 27.55 1.81
C GLN D 43 6.83 28.55 0.73
N ASN D 44 5.77 28.23 0.01
CA ASN D 44 5.33 29.08 -1.16
C ASN D 44 4.25 30.08 -0.80
N GLY D 45 4.03 30.27 0.49
CA GLY D 45 3.07 31.27 0.99
C GLY D 45 1.62 30.93 0.71
N LEU D 46 1.26 29.66 0.45
CA LEU D 46 -0.08 29.26 0.01
C LEU D 46 -0.99 28.63 1.05
N LEU D 47 -0.52 28.51 2.29
CA LEU D 47 -1.42 27.87 3.30
C LEU D 47 -1.55 28.57 4.64
#